data_8GOT
#
_entry.id   8GOT
#
_cell.length_a   47.303
_cell.length_b   69.496
_cell.length_c   75.504
_cell.angle_alpha   90.000
_cell.angle_beta   90.000
_cell.angle_gamma   90.000
#
_symmetry.space_group_name_H-M   'P 21 21 21'
#
loop_
_entity.id
_entity.type
_entity.pdbx_description
1 polymer 'Peptidase C3'
2 non-polymer '[(2~{S})-2-hexadecanoyloxy-3-[[(2~{R})-3-[[(2~{S})-3-[(5~{E},8~{E},11~{Z},14~{E})-icosa-5,8,11,14-tetraenoyl]oxy-2-[(9~{E},12~{Z})-octadeca-9,12-dienoyl]oxy-propoxy]-oxidanyl-phosphoryl]oxy-2-oxidanyl-propoxy]-oxidanyl-phosphoryl]oxy-propyl] icosanoate'
3 non-polymer GLYCEROL
4 water water
#
_entity_poly.entity_id   1
_entity_poly.type   'polypeptide(L)'
_entity_poly.pdbx_seq_one_letter_code
;QPNVDMGFEAAVAKKVVVPITFMVPNRPSGLTQSALLVTGRTFLINEHTWSNPSWTSFTIRGEVHTRDEPFQTVHFTHHG
IPTDLMMVRLGPGNSFPNNLDKFGLDQMPARNSRVVGVSSSYGNFFFSGNFLGFVDSITSEQGTYARLFRYRVTTYKGWC
GSALVCEAGGVRRIIGLHSAGAAGIGAGTYISKLGLIKALKHLGEPLATMQ
;
_entity_poly.pdbx_strand_id   A
#
# COMPACT_ATOMS: atom_id res chain seq x y z
N VAL A 4 -10.23 8.25 21.10
CA VAL A 4 -9.70 7.39 20.05
C VAL A 4 -10.79 7.07 19.02
N ASP A 5 -11.13 8.05 18.18
CA ASP A 5 -12.13 7.77 17.15
C ASP A 5 -11.46 7.07 15.98
N MET A 6 -12.04 5.96 15.55
CA MET A 6 -11.52 5.17 14.44
C MET A 6 -12.54 5.07 13.31
N GLY A 7 -13.44 6.05 13.22
CA GLY A 7 -14.37 6.11 12.10
C GLY A 7 -13.67 6.10 10.76
N PHE A 8 -12.55 6.80 10.63
CA PHE A 8 -11.84 6.85 9.36
C PHE A 8 -11.19 5.52 9.06
N GLU A 9 -10.56 4.93 10.05
CA GLU A 9 -9.84 3.70 9.84
C GLU A 9 -10.78 2.58 9.55
N ALA A 10 -11.99 2.68 10.05
CA ALA A 10 -12.97 1.68 9.75
C ALA A 10 -13.41 1.88 8.34
N ALA A 11 -13.48 3.11 7.90
CA ALA A 11 -13.82 3.33 6.50
C ALA A 11 -12.72 2.77 5.59
N VAL A 12 -11.46 2.98 5.98
CA VAL A 12 -10.34 2.39 5.23
C VAL A 12 -10.49 0.88 5.16
N ALA A 13 -10.83 0.25 6.29
CA ALA A 13 -11.01 -1.19 6.33
C ALA A 13 -12.17 -1.63 5.46
N LYS A 14 -13.23 -0.83 5.43
CA LYS A 14 -14.42 -1.21 4.67
C LYS A 14 -14.20 -1.07 3.17
N LYS A 15 -13.49 -0.01 2.75
CA LYS A 15 -13.46 0.35 1.34
C LYS A 15 -12.11 0.18 0.65
N VAL A 16 -10.99 0.25 1.37
CA VAL A 16 -9.67 0.37 0.76
C VAL A 16 -8.86 -0.93 0.85
N VAL A 17 -8.70 -1.47 2.06
CA VAL A 17 -7.77 -2.58 2.26
C VAL A 17 -8.46 -3.88 1.87
N VAL A 18 -7.77 -4.71 1.10
CA VAL A 18 -8.34 -5.99 0.70
C VAL A 18 -7.23 -7.04 0.74
N PRO A 19 -7.61 -8.29 0.92
CA PRO A 19 -6.63 -9.37 0.79
C PRO A 19 -6.32 -9.64 -0.67
N ILE A 20 -5.07 -9.98 -0.93
CA ILE A 20 -4.61 -10.43 -2.24
C ILE A 20 -3.68 -11.61 -1.98
N THR A 21 -3.83 -12.67 -2.77
CA THR A 21 -3.06 -13.89 -2.55
C THR A 21 -2.33 -14.25 -3.83
N PHE A 22 -1.01 -14.41 -3.73
CA PHE A 22 -0.19 -14.79 -4.88
C PHE A 22 -0.03 -16.29 -4.88
N MET A 23 -0.44 -16.92 -5.98
CA MET A 23 -0.36 -18.38 -6.16
C MET A 23 0.95 -18.73 -6.86
N VAL A 24 1.64 -19.75 -6.35
CA VAL A 24 2.96 -20.11 -6.86
C VAL A 24 3.02 -21.60 -7.22
N PRO A 25 3.88 -21.99 -8.17
CA PRO A 25 4.20 -23.41 -8.38
C PRO A 25 5.36 -23.94 -7.56
N ASN A 26 5.80 -23.20 -6.54
CA ASN A 26 6.98 -23.51 -5.73
C ASN A 26 6.66 -23.99 -4.32
N ARG A 27 5.45 -23.75 -3.82
CA ARG A 27 5.17 -23.91 -2.40
C ARG A 27 3.72 -24.35 -2.22
N PRO A 28 3.41 -25.02 -1.11
CA PRO A 28 2.06 -25.60 -0.97
C PRO A 28 0.95 -24.57 -0.94
N SER A 29 1.21 -23.36 -0.46
CA SER A 29 0.12 -22.41 -0.24
C SER A 29 0.45 -21.06 -0.88
N GLY A 30 -0.60 -20.26 -1.04
CA GLY A 30 -0.42 -18.93 -1.59
C GLY A 30 0.04 -17.95 -0.53
N LEU A 31 0.84 -16.97 -0.95
CA LEU A 31 1.30 -15.91 -0.06
C LEU A 31 0.24 -14.82 -0.03
N THR A 32 -0.38 -14.64 1.14
CA THR A 32 -1.42 -13.65 1.32
C THR A 32 -0.84 -12.38 1.94
N GLN A 33 -1.28 -11.23 1.43
CA GLN A 33 -0.93 -9.94 1.99
C GLN A 33 -2.11 -9.00 1.76
N SER A 34 -1.88 -7.69 1.93
CA SER A 34 -2.92 -6.71 1.71
C SER A 34 -2.63 -5.91 0.43
N ALA A 35 -3.70 -5.40 -0.18
CA ALA A 35 -3.61 -4.45 -1.27
C ALA A 35 -4.51 -3.27 -0.96
N LEU A 36 -4.26 -2.14 -1.62
CA LEU A 36 -5.05 -0.93 -1.41
C LEU A 36 -5.77 -0.57 -2.70
N LEU A 37 -7.11 -0.62 -2.68
CA LEU A 37 -7.90 -0.19 -3.84
C LEU A 37 -7.86 1.33 -3.93
N VAL A 38 -7.50 1.86 -5.11
CA VAL A 38 -7.36 3.30 -5.24
C VAL A 38 -8.63 3.88 -5.84
N THR A 39 -8.95 3.46 -7.06
CA THR A 39 -10.17 3.82 -7.75
C THR A 39 -10.26 2.98 -9.02
N GLY A 40 -11.48 2.86 -9.54
CA GLY A 40 -11.70 2.23 -10.84
C GLY A 40 -11.21 0.80 -10.88
N ARG A 41 -10.12 0.55 -11.60
CA ARG A 41 -9.47 -0.77 -11.64
C ARG A 41 -8.01 -0.73 -11.21
N THR A 42 -7.57 0.28 -10.46
CA THR A 42 -6.18 0.28 -10.01
C THR A 42 -6.07 0.17 -8.49
N PHE A 43 -5.00 -0.49 -8.08
CA PHE A 43 -4.70 -0.70 -6.67
C PHE A 43 -3.21 -0.54 -6.46
N LEU A 44 -2.81 -0.42 -5.21
CA LEU A 44 -1.42 -0.28 -4.82
C LEU A 44 -0.94 -1.57 -4.19
N ILE A 45 0.32 -1.90 -4.46
CA ILE A 45 0.92 -3.17 -4.05
C ILE A 45 2.39 -2.91 -3.77
N ASN A 46 2.98 -3.74 -2.92
CA ASN A 46 4.41 -3.67 -2.69
C ASN A 46 5.16 -4.10 -3.95
N GLU A 47 6.23 -3.37 -4.25
CA GLU A 47 7.04 -3.71 -5.42
C GLU A 47 7.71 -5.06 -5.25
N HIS A 48 8.21 -5.35 -4.05
CA HIS A 48 8.99 -6.58 -3.90
C HIS A 48 8.11 -7.81 -4.03
N THR A 49 6.82 -7.69 -3.69
CA THR A 49 5.88 -8.77 -3.91
C THR A 49 5.51 -8.88 -5.37
N TRP A 50 5.17 -7.76 -5.99
CA TRP A 50 4.75 -7.76 -7.39
C TRP A 50 5.84 -8.33 -8.28
N SER A 51 7.09 -7.90 -8.05
CA SER A 51 8.20 -8.25 -8.93
C SER A 51 8.82 -9.63 -8.65
N ASN A 52 8.41 -10.33 -7.58
CA ASN A 52 8.98 -11.65 -7.33
C ASN A 52 8.61 -12.57 -8.49
N PRO A 53 9.59 -13.24 -9.10
CA PRO A 53 9.31 -13.98 -10.35
C PRO A 53 8.57 -15.29 -10.15
N SER A 54 8.20 -15.67 -8.92
CA SER A 54 7.69 -17.02 -8.72
C SER A 54 6.20 -17.14 -9.02
N TRP A 55 5.40 -16.13 -8.69
CA TRP A 55 3.94 -16.31 -8.76
C TRP A 55 3.46 -16.43 -10.21
N THR A 56 2.43 -17.26 -10.39
CA THR A 56 1.82 -17.50 -11.68
C THR A 56 0.41 -16.93 -11.80
N SER A 57 -0.23 -16.63 -10.68
CA SER A 57 -1.47 -15.86 -10.68
C SER A 57 -1.59 -15.20 -9.31
N PHE A 58 -2.58 -14.32 -9.18
CA PHE A 58 -2.97 -13.80 -7.88
C PHE A 58 -4.47 -13.62 -7.90
N THR A 59 -5.06 -13.58 -6.70
CA THR A 59 -6.48 -13.34 -6.57
C THR A 59 -6.69 -12.02 -5.83
N ILE A 60 -7.64 -11.23 -6.31
CA ILE A 60 -8.03 -10.01 -5.62
C ILE A 60 -9.49 -9.76 -5.93
N ARG A 61 -10.25 -9.33 -4.92
CA ARG A 61 -11.67 -9.01 -5.06
C ARG A 61 -12.41 -10.11 -5.83
N GLY A 62 -12.12 -11.37 -5.49
CA GLY A 62 -12.82 -12.49 -6.06
C GLY A 62 -12.41 -12.87 -7.45
N GLU A 63 -11.37 -12.27 -8.01
CA GLU A 63 -10.93 -12.53 -9.38
C GLU A 63 -9.55 -13.15 -9.39
N VAL A 64 -9.31 -14.01 -10.37
CA VAL A 64 -8.00 -14.62 -10.61
C VAL A 64 -7.38 -13.93 -11.82
N HIS A 65 -6.11 -13.53 -11.70
CA HIS A 65 -5.38 -12.91 -12.80
C HIS A 65 -4.03 -13.61 -12.94
N THR A 66 -3.69 -14.01 -14.17
CA THR A 66 -2.42 -14.67 -14.40
C THR A 66 -1.31 -13.66 -14.70
N ARG A 67 -0.06 -14.13 -14.59
CA ARG A 67 1.10 -13.25 -14.72
C ARG A 67 1.26 -12.71 -16.14
N ASP A 68 0.92 -13.49 -17.15
CA ASP A 68 1.09 -13.05 -18.53
C ASP A 68 -0.01 -12.09 -19.00
N GLU A 69 -0.92 -11.67 -18.13
CA GLU A 69 -1.89 -10.64 -18.50
C GLU A 69 -1.18 -9.31 -18.72
N PRO A 70 -1.78 -8.39 -19.52
CA PRO A 70 -1.11 -7.12 -19.85
C PRO A 70 -1.41 -6.02 -18.83
N PHE A 71 -0.92 -6.20 -17.60
CA PHE A 71 -1.15 -5.16 -16.60
C PHE A 71 -0.42 -3.88 -16.98
N GLN A 72 -1.08 -2.75 -16.77
CA GLN A 72 -0.40 -1.46 -16.79
C GLN A 72 0.07 -1.16 -15.38
N THR A 73 1.36 -0.86 -15.22
CA THR A 73 1.90 -0.65 -13.89
C THR A 73 2.79 0.58 -13.85
N VAL A 74 2.85 1.19 -12.66
CA VAL A 74 3.76 2.28 -12.37
C VAL A 74 4.57 1.91 -11.14
N HIS A 75 5.88 1.99 -11.25
CA HIS A 75 6.80 1.79 -10.14
C HIS A 75 7.37 3.14 -9.73
N PHE A 76 7.10 3.55 -8.49
CA PHE A 76 7.55 4.86 -8.04
C PHE A 76 9.02 4.83 -7.64
N THR A 77 9.75 5.90 -8.01
CA THR A 77 11.15 6.08 -7.62
C THR A 77 11.30 7.45 -6.96
N HIS A 78 12.39 7.61 -6.23
CA HIS A 78 12.70 8.88 -5.56
C HIS A 78 14.19 9.17 -5.74
N HIS A 79 14.48 10.27 -6.42
CA HIS A 79 15.87 10.69 -6.69
C HIS A 79 16.69 9.53 -7.26
N GLY A 80 16.07 8.75 -8.15
CA GLY A 80 16.74 7.64 -8.79
C GLY A 80 16.81 6.35 -8.00
N ILE A 81 16.33 6.31 -6.76
CA ILE A 81 16.30 5.09 -5.97
C ILE A 81 14.90 4.49 -6.05
N PRO A 82 14.77 3.17 -6.18
CA PRO A 82 13.43 2.57 -6.17
C PRO A 82 12.74 2.70 -4.81
N THR A 83 11.44 2.91 -4.84
CA THR A 83 10.58 2.70 -3.70
C THR A 83 9.96 1.31 -3.77
N ASP A 84 9.37 0.89 -2.66
CA ASP A 84 8.63 -0.36 -2.57
C ASP A 84 7.17 -0.20 -3.00
N LEU A 85 6.83 0.87 -3.70
CA LEU A 85 5.43 1.18 -4.04
C LEU A 85 5.17 0.93 -5.52
N MET A 86 4.09 0.21 -5.81
CA MET A 86 3.68 -0.05 -7.18
C MET A 86 2.20 0.16 -7.36
N MET A 87 1.83 0.72 -8.50
CA MET A 87 0.44 0.90 -8.88
C MET A 87 0.11 -0.05 -10.02
N VAL A 88 -1.02 -0.74 -9.91
CA VAL A 88 -1.40 -1.78 -10.86
C VAL A 88 -2.82 -1.53 -11.33
N ARG A 89 -3.01 -1.44 -12.64
CA ARG A 89 -4.34 -1.34 -13.22
C ARG A 89 -4.66 -2.65 -13.90
N LEU A 90 -5.80 -3.23 -13.53
CA LEU A 90 -6.33 -4.45 -14.10
C LEU A 90 -7.10 -4.14 -15.38
N GLY A 91 -7.29 -5.19 -16.18
CA GLY A 91 -8.19 -5.09 -17.30
C GLY A 91 -9.61 -4.84 -16.84
N PRO A 92 -10.52 -4.68 -17.80
CA PRO A 92 -11.91 -4.35 -17.47
C PRO A 92 -12.53 -5.34 -16.48
N GLY A 93 -13.35 -4.79 -15.58
CA GLY A 93 -14.03 -5.61 -14.59
C GLY A 93 -14.87 -4.71 -13.70
N ASN A 94 -15.37 -5.30 -12.62
CA ASN A 94 -16.16 -4.52 -11.67
C ASN A 94 -15.27 -3.48 -10.99
N SER A 95 -15.79 -2.26 -10.86
CA SER A 95 -14.99 -1.13 -10.40
C SER A 95 -14.72 -1.20 -8.90
N PHE A 96 -13.58 -0.65 -8.49
CA PHE A 96 -13.30 -0.44 -7.09
C PHE A 96 -14.02 0.81 -6.60
N PRO A 97 -14.17 0.98 -5.29
CA PRO A 97 -14.62 2.29 -4.77
C PRO A 97 -13.62 3.37 -5.15
N ASN A 98 -14.10 4.60 -5.23
CA ASN A 98 -13.21 5.73 -5.44
C ASN A 98 -12.70 6.17 -4.08
N ASN A 99 -11.47 5.78 -3.76
CA ASN A 99 -10.88 5.97 -2.45
C ASN A 99 -9.87 7.10 -2.42
N LEU A 100 -9.81 7.92 -3.48
CA LEU A 100 -8.82 8.98 -3.56
C LEU A 100 -8.96 9.99 -2.43
N ASP A 101 -10.19 10.21 -1.96
CA ASP A 101 -10.38 11.14 -0.85
C ASP A 101 -9.71 10.66 0.45
N LYS A 102 -9.27 9.39 0.52
CA LYS A 102 -8.71 8.84 1.75
C LYS A 102 -7.19 8.88 1.80
N PHE A 103 -6.54 9.22 0.69
CA PHE A 103 -5.08 9.24 0.61
C PHE A 103 -4.54 10.66 0.68
N GLY A 104 -3.42 10.82 1.40
CA GLY A 104 -2.61 12.03 1.34
C GLY A 104 -2.79 13.01 2.49
N LEU A 105 -1.68 13.55 2.99
CA LEU A 105 -1.67 14.65 3.94
C LEU A 105 -0.78 15.76 3.41
N ASP A 106 -1.22 17.01 3.60
CA ASP A 106 -0.44 18.17 3.17
C ASP A 106 0.54 18.63 4.22
N GLN A 107 0.34 18.20 5.45
CA GLN A 107 1.25 18.53 6.51
C GLN A 107 1.85 17.22 6.95
N MET A 108 3.06 17.25 7.43
CA MET A 108 3.70 16.04 7.91
C MET A 108 3.32 15.78 9.35
N PRO A 109 3.04 14.53 9.68
CA PRO A 109 2.62 14.17 11.03
C PRO A 109 3.60 14.59 12.12
N ALA A 110 3.07 15.02 13.25
CA ALA A 110 3.93 15.39 14.37
C ALA A 110 4.66 14.15 14.87
N ARG A 111 5.94 14.32 15.23
CA ARG A 111 6.71 13.19 15.73
C ARG A 111 6.02 12.61 16.95
N ASN A 112 5.96 11.28 16.99
CA ASN A 112 5.28 10.47 17.99
C ASN A 112 3.77 10.65 17.96
N SER A 113 3.21 11.13 16.87
CA SER A 113 1.78 10.95 16.69
C SER A 113 1.49 9.48 16.41
N ARG A 114 0.20 9.13 16.39
CA ARG A 114 -0.20 7.73 16.29
C ARG A 114 -0.33 7.30 14.82
N VAL A 115 0.34 6.19 14.49
CA VAL A 115 0.18 5.52 13.20
C VAL A 115 -0.74 4.32 13.42
N VAL A 116 -1.78 4.21 12.59
CA VAL A 116 -2.69 3.07 12.64
C VAL A 116 -2.58 2.29 11.33
N GLY A 117 -2.16 1.03 11.43
CA GLY A 117 -2.15 0.13 10.28
C GLY A 117 -3.48 -0.58 10.13
N VAL A 118 -3.92 -0.74 8.89
CA VAL A 118 -5.19 -1.35 8.54
C VAL A 118 -4.86 -2.50 7.59
N SER A 119 -5.09 -3.73 8.04
CA SER A 119 -4.59 -4.89 7.33
C SER A 119 -5.72 -5.86 7.06
N SER A 120 -5.60 -6.55 5.92
CA SER A 120 -6.38 -7.74 5.61
C SER A 120 -5.49 -8.95 5.44
N SER A 121 -4.29 -8.93 6.04
CA SER A 121 -3.31 -9.96 5.77
C SER A 121 -3.58 -11.28 6.49
N TYR A 122 -4.33 -11.25 7.58
CA TYR A 122 -4.61 -12.45 8.37
C TYR A 122 -6.06 -12.39 8.85
N GLY A 123 -7.00 -12.36 7.91
CA GLY A 123 -8.25 -11.73 8.25
C GLY A 123 -7.96 -10.24 8.41
N ASN A 124 -8.98 -9.51 8.84
CA ASN A 124 -8.85 -8.07 9.06
C ASN A 124 -8.38 -7.76 10.48
N PHE A 125 -7.49 -6.78 10.59
CA PHE A 125 -7.03 -6.32 11.90
C PHE A 125 -6.38 -4.96 11.75
N PHE A 126 -6.26 -4.27 12.90
CA PHE A 126 -5.50 -3.05 13.05
C PHE A 126 -4.27 -3.31 13.90
N PHE A 127 -3.19 -2.58 13.61
CA PHE A 127 -2.05 -2.44 14.51
C PHE A 127 -1.73 -0.95 14.66
N SER A 128 -0.85 -0.64 15.60
CA SER A 128 -0.66 0.73 16.05
C SER A 128 0.76 0.92 16.58
N GLY A 129 1.27 2.13 16.41
CA GLY A 129 2.54 2.52 17.00
C GLY A 129 2.77 3.99 16.75
N ASN A 130 3.75 4.55 17.46
CA ASN A 130 4.02 5.97 17.30
C ASN A 130 4.94 6.23 16.12
N PHE A 131 4.67 7.34 15.44
CA PHE A 131 5.41 7.82 14.29
C PHE A 131 6.83 8.19 14.70
N LEU A 132 7.83 7.65 14.00
CA LEU A 132 9.22 7.90 14.31
C LEU A 132 9.90 8.85 13.32
N GLY A 133 9.23 9.22 12.25
CA GLY A 133 9.75 10.17 11.28
C GLY A 133 10.02 9.52 9.93
N PHE A 134 10.29 10.37 8.96
CA PHE A 134 10.65 9.91 7.63
C PHE A 134 12.11 9.52 7.57
N VAL A 135 12.42 8.57 6.70
CA VAL A 135 13.78 8.18 6.38
C VAL A 135 13.93 8.20 4.86
N ASP A 136 15.11 8.63 4.39
CA ASP A 136 15.31 8.70 2.95
C ASP A 136 15.35 7.31 2.34
N SER A 137 15.82 6.34 3.10
CA SER A 137 15.96 4.99 2.58
C SER A 137 16.00 4.03 3.75
N ILE A 138 15.86 2.77 3.42
CA ILE A 138 16.13 1.66 4.33
C ILE A 138 17.07 0.71 3.62
N THR A 139 17.89 0.02 4.39
CA THR A 139 18.76 -1.03 3.86
C THR A 139 18.10 -2.36 4.20
N SER A 140 17.73 -3.11 3.16
CA SER A 140 16.92 -4.31 3.31
C SER A 140 17.65 -5.54 2.82
N GLU A 141 17.07 -6.69 3.14
CA GLU A 141 17.55 -7.96 2.58
C GLU A 141 17.31 -8.08 1.09
N GLN A 142 16.51 -7.20 0.49
CA GLN A 142 16.35 -7.15 -0.96
C GLN A 142 16.84 -5.82 -1.53
N GLY A 143 17.81 -5.20 -0.85
CA GLY A 143 18.41 -3.98 -1.32
C GLY A 143 17.87 -2.75 -0.62
N THR A 144 18.33 -1.60 -1.10
CA THR A 144 17.90 -0.31 -0.60
C THR A 144 16.53 0.04 -1.18
N TYR A 145 15.69 0.66 -0.36
CA TYR A 145 14.41 1.21 -0.83
C TYR A 145 14.26 2.62 -0.29
N ALA A 146 13.58 3.49 -1.07
CA ALA A 146 13.54 4.92 -0.80
C ALA A 146 12.18 5.42 -0.33
N ARG A 147 12.22 6.53 0.41
CA ARG A 147 11.06 7.37 0.74
C ARG A 147 10.05 6.61 1.60
N LEU A 148 10.44 6.41 2.86
CA LEU A 148 9.65 5.68 3.83
C LEU A 148 9.46 6.52 5.09
N PHE A 149 8.65 5.97 6.02
CA PHE A 149 8.59 6.47 7.38
C PHE A 149 8.43 5.28 8.31
N ARG A 150 8.79 5.47 9.57
CA ARG A 150 8.91 4.38 10.52
C ARG A 150 8.00 4.59 11.71
N TYR A 151 7.66 3.49 12.38
CA TYR A 151 6.71 3.51 13.47
C TYR A 151 7.08 2.41 14.47
N ARG A 152 6.90 2.70 15.75
CA ARG A 152 7.29 1.77 16.81
C ARG A 152 6.17 0.74 17.03
N VAL A 153 6.37 -0.45 16.46
CA VAL A 153 5.43 -1.56 16.60
C VAL A 153 6.09 -2.77 15.96
N THR A 154 5.91 -3.95 16.55
CA THR A 154 6.45 -5.15 15.95
C THR A 154 5.51 -5.63 14.85
N THR A 155 6.06 -5.81 13.66
CA THR A 155 5.28 -6.22 12.50
C THR A 155 5.77 -7.58 12.03
N TYR A 156 4.93 -8.24 11.22
CA TYR A 156 5.17 -9.63 10.85
C TYR A 156 5.10 -9.82 9.35
N LYS A 157 5.68 -10.93 8.88
CA LYS A 157 5.59 -11.29 7.47
C LYS A 157 4.12 -11.44 7.09
N GLY A 158 3.76 -10.87 5.95
CA GLY A 158 2.39 -10.82 5.51
C GLY A 158 1.70 -9.50 5.75
N TRP A 159 2.16 -8.72 6.74
CA TRP A 159 1.52 -7.44 6.98
C TRP A 159 1.79 -6.43 5.87
N CYS A 160 2.72 -6.72 4.95
CA CYS A 160 2.98 -5.80 3.85
CA CYS A 160 2.99 -5.79 3.85
C CYS A 160 1.69 -5.45 3.13
N GLY A 161 1.61 -4.22 2.61
CA GLY A 161 0.42 -3.77 1.94
C GLY A 161 -0.63 -3.16 2.84
N SER A 162 -0.48 -3.31 4.17
CA SER A 162 -1.42 -2.67 5.08
C SER A 162 -1.37 -1.17 4.89
N ALA A 163 -2.53 -0.53 4.96
CA ALA A 163 -2.61 0.92 4.90
C ALA A 163 -2.10 1.54 6.21
N LEU A 164 -1.31 2.60 6.09
CA LEU A 164 -0.79 3.33 7.24
C LEU A 164 -1.52 4.67 7.32
N VAL A 165 -2.33 4.83 8.37
CA VAL A 165 -3.13 6.02 8.60
C VAL A 165 -2.41 6.88 9.63
N CYS A 166 -2.05 8.10 9.24
CA CYS A 166 -1.42 9.07 10.13
C CYS A 166 -2.30 10.30 10.24
N GLU A 167 -1.92 11.18 11.17
CA GLU A 167 -2.68 12.39 11.45
C GLU A 167 -1.77 13.61 11.32
N ALA A 168 -2.30 14.67 10.71
CA ALA A 168 -1.63 15.97 10.67
C ALA A 168 -2.67 17.04 10.38
N GLY A 169 -2.58 18.14 11.10
CA GLY A 169 -3.54 19.22 10.91
C GLY A 169 -4.97 18.79 11.14
N GLY A 170 -5.22 17.98 12.17
CA GLY A 170 -6.56 17.55 12.52
C GLY A 170 -7.20 16.53 11.60
N VAL A 171 -6.46 16.06 10.59
CA VAL A 171 -6.98 15.07 9.67
C VAL A 171 -6.23 13.77 9.63
N ARG A 172 -6.94 12.68 9.48
CA ARG A 172 -6.34 11.38 9.40
C ARG A 172 -6.47 10.86 7.99
N ARG A 173 -5.37 10.48 7.37
CA ARG A 173 -5.35 10.01 5.99
C ARG A 173 -4.34 8.86 5.86
N ILE A 174 -4.53 8.04 4.81
CA ILE A 174 -3.53 7.03 4.47
C ILE A 174 -2.35 7.72 3.78
N ILE A 175 -1.16 7.57 4.34
CA ILE A 175 0.01 8.12 3.65
C ILE A 175 1.10 7.06 3.45
N GLY A 176 0.79 5.80 3.73
CA GLY A 176 1.79 4.78 3.48
C GLY A 176 1.18 3.41 3.33
N LEU A 177 1.97 2.49 2.82
CA LEU A 177 1.63 1.08 2.95
C LEU A 177 2.83 0.34 3.50
N HIS A 178 2.55 -0.65 4.33
CA HIS A 178 3.60 -1.28 5.11
C HIS A 178 4.56 -2.02 4.20
N SER A 179 5.86 -1.88 4.47
CA SER A 179 6.93 -2.48 3.68
C SER A 179 7.79 -3.47 4.44
N ALA A 180 8.21 -3.16 5.66
CA ALA A 180 9.33 -3.88 6.24
C ALA A 180 9.29 -3.77 7.76
N GLY A 181 10.06 -4.63 8.42
CA GLY A 181 10.18 -4.59 9.86
C GLY A 181 11.60 -4.91 10.27
N ALA A 182 11.96 -4.45 11.47
CA ALA A 182 13.30 -4.68 11.98
C ALA A 182 13.34 -4.41 13.47
N ALA A 183 13.31 -5.46 14.28
CA ALA A 183 13.49 -5.35 15.73
C ALA A 183 12.40 -4.49 16.37
N GLY A 184 11.14 -4.82 16.08
CA GLY A 184 10.04 -4.08 16.67
C GLY A 184 9.83 -2.69 16.12
N ILE A 185 10.40 -2.37 14.96
CA ILE A 185 10.18 -1.10 14.29
C ILE A 185 9.80 -1.41 12.85
N GLY A 186 8.64 -0.93 12.42
CA GLY A 186 8.16 -1.14 11.07
C GLY A 186 8.44 0.05 10.20
N ALA A 187 8.46 -0.18 8.88
CA ALA A 187 8.70 0.87 7.91
C ALA A 187 7.66 0.76 6.80
N GLY A 188 7.10 1.89 6.41
CA GLY A 188 6.11 1.94 5.37
C GLY A 188 6.53 2.92 4.29
N THR A 189 6.15 2.61 3.05
CA THR A 189 6.52 3.44 1.92
C THR A 189 5.51 4.56 1.74
N TYR A 190 6.02 5.78 1.60
CA TYR A 190 5.18 6.97 1.61
C TYR A 190 4.35 7.10 0.34
N ILE A 191 3.10 7.55 0.50
CA ILE A 191 2.17 7.76 -0.59
C ILE A 191 1.77 9.24 -0.60
N SER A 192 1.92 9.90 -1.74
CA SER A 192 1.45 11.27 -1.89
C SER A 192 0.29 11.32 -2.87
N LYS A 193 -0.63 12.26 -2.63
CA LYS A 193 -1.78 12.44 -3.52
C LYS A 193 -1.33 12.85 -4.91
N LEU A 194 -0.32 13.73 -4.99
CA LEU A 194 0.18 14.18 -6.29
C LEU A 194 0.78 13.03 -7.08
N GLY A 195 1.55 12.15 -6.41
CA GLY A 195 2.06 10.97 -7.09
C GLY A 195 0.96 10.07 -7.60
N LEU A 196 -0.07 9.83 -6.77
CA LEU A 196 -1.18 8.99 -7.19
C LEU A 196 -1.91 9.57 -8.39
N ILE A 197 -2.12 10.89 -8.39
CA ILE A 197 -2.86 11.52 -9.47
C ILE A 197 -2.11 11.38 -10.79
N LYS A 198 -0.79 11.59 -10.75
CA LYS A 198 -0.02 11.56 -11.98
C LYS A 198 0.17 10.12 -12.46
N ALA A 199 0.27 9.16 -11.53
CA ALA A 199 0.33 7.76 -11.95
C ALA A 199 -0.98 7.33 -12.59
N LEU A 200 -2.12 7.71 -12.02
CA LEU A 200 -3.40 7.30 -12.60
C LEU A 200 -3.57 7.85 -14.00
N LYS A 201 -3.13 9.09 -14.23
CA LYS A 201 -3.17 9.66 -15.57
C LYS A 201 -2.31 8.85 -16.54
N HIS A 202 -1.08 8.51 -16.13
CA HIS A 202 -0.21 7.69 -16.97
C HIS A 202 -0.87 6.35 -17.28
N LEU A 203 -1.58 5.76 -16.33
CA LEU A 203 -2.20 4.46 -16.59
C LEU A 203 -3.52 4.56 -17.35
N GLY A 204 -4.03 5.77 -17.59
CA GLY A 204 -5.28 5.89 -18.32
C GLY A 204 -6.51 5.63 -17.49
N GLU A 205 -6.42 5.75 -16.16
CA GLU A 205 -7.57 5.54 -15.31
C GLU A 205 -8.46 6.79 -15.36
N PRO A 206 -9.65 6.71 -15.94
CA PRO A 206 -10.44 7.92 -16.24
C PRO A 206 -10.98 8.57 -14.98
N LEU A 207 -10.69 9.86 -14.81
CA LEU A 207 -11.20 10.62 -13.68
C LEU A 207 -11.56 12.02 -14.16
N ALA A 208 -12.72 12.50 -13.71
CA ALA A 208 -13.03 13.92 -13.85
C ALA A 208 -12.02 14.74 -13.07
N THR A 209 -11.61 15.88 -13.63
CA THR A 209 -10.76 16.80 -12.90
C THR A 209 -11.62 17.93 -12.33
N MET A 210 -11.49 18.17 -11.02
CA MET A 210 -12.22 19.22 -10.32
C MET A 210 -11.60 20.56 -10.71
N GLN A 211 -12.40 21.40 -11.37
CA GLN A 211 -11.87 22.64 -11.89
C GLN A 211 -12.13 23.83 -10.97
#